data_8DO3
#
_entry.id   8DO3
#
_cell.length_a   1.00
_cell.length_b   1.00
_cell.length_c   1.00
_cell.angle_alpha   90.00
_cell.angle_beta   90.00
_cell.angle_gamma   90.00
#
_symmetry.space_group_name_H-M   'P 1'
#
loop_
_entity.id
_entity.type
_entity.pdbx_description
1 polymer 'Protein transport protein Sec61 subunit gamma'
2 polymer 'Protein transport protein Sec61 subunit beta'
3 polymer 'Protein transport protein Sec61 subunit alpha isoform 1'
4 non-polymer "N'-(4-chlorophenyl)-N-[(4R)-3-(4-chlorophenyl)-5,5-dimethyl-1-(2-{(2E)-2-[(2E)-3-(5-nitrofuran-2-yl)prop-2-en-1-ylidene]hydrazinyl}-2-oxoethyl)-2-oxoimidazolidin-4-yl]-N-hydroxyurea"
#
loop_
_entity_poly.entity_id
_entity_poly.type
_entity_poly.pdbx_seq_one_letter_code
_entity_poly.pdbx_strand_id
1 'polypeptide(L)' MDQVMQFVEPSRQFVKDSIRLVKRCTKPDRKEFQKIAMATAIGFAIMGFIGFFVKLIHIPINNIIVGG B
2 'polypeptide(L)'
;MPGPTPSGTNVGSSGRSPSKAVAARAAGSTVRQRKNASCGTRSAGRTTSAGTGGMWRFYTEDSPGLKVGPVPVLVMSLLF
IASVFMLHIWGKYTRS
;
C
3 'polypeptide(L)'
;MAIKFLEVIKPFCVILPEIQKPERKIQFKEKVLWTAITLFIFLVCCQIPLFGIMSSDSADPFYWMRVILASNRGTLMELG
ISPIVTSGLIMQLLAGAKIIEVGDTPKDRALFNGAQKLFGMIITIGQSIVYVMTGMYGDPSEMGAGICLLITIQLFVAGL
IVLLLDELLQKGYGLGSGISLFIATNICETIVWKAFSPTTVNTGRGMEFEGAIIALFHLLATRTDKVRALREAFYRQNLP
NLMNLIATIFVFAVVIYFQGFRYELPIRSTKVRGQIGIYPIKLFYTSNIPIILQSALVSNLYVISQMLSARFSGNLLVSL
LGTWSDTSSGGPARAYPVGGLCYYLSPPESFGSVLEDPVHAVVYIVFMLGSCAFFSKTWIEVSGSSPRDIAKQFKDQGMV
INGKRETSIYRELKKIIPTAAAFGGLCIGALSVLADFLGAIGSGTGILLAVTIIYQYFEIFVKEQSEVGSMGALLF
;
A
#
# COMPACT_ATOMS: atom_id res chain seq x y z
N PHE A 7 -14.87 -6.96 -31.41
CA PHE A 7 -14.40 -7.71 -30.26
C PHE A 7 -13.21 -8.59 -30.62
N VAL A 8 -13.24 -9.15 -31.84
CA VAL A 8 -12.16 -10.02 -32.29
C VAL A 8 -10.99 -9.20 -32.82
N GLU A 9 -11.26 -8.27 -33.73
CA GLU A 9 -10.20 -7.44 -34.29
C GLU A 9 -9.51 -6.56 -33.24
N PRO A 10 -10.23 -5.87 -32.35
CA PRO A 10 -9.50 -5.14 -31.30
C PRO A 10 -8.63 -6.02 -30.43
N SER A 11 -9.10 -7.23 -30.12
CA SER A 11 -8.29 -8.15 -29.32
C SER A 11 -7.04 -8.58 -30.07
N ARG A 12 -7.18 -8.89 -31.35
CA ARG A 12 -6.02 -9.28 -32.15
C ARG A 12 -5.02 -8.13 -32.25
N GLN A 13 -5.52 -6.91 -32.45
CA GLN A 13 -4.62 -5.76 -32.52
C GLN A 13 -3.91 -5.53 -31.19
N PHE A 14 -4.62 -5.68 -30.07
CA PHE A 14 -4.00 -5.52 -28.76
C PHE A 14 -2.92 -6.58 -28.53
N VAL A 15 -3.21 -7.82 -28.92
CA VAL A 15 -2.22 -8.89 -28.75
C VAL A 15 -0.98 -8.63 -29.60
N LYS A 16 -1.19 -8.22 -30.86
CA LYS A 16 -0.05 -7.93 -31.72
C LYS A 16 0.78 -6.78 -31.18
N ASP A 17 0.12 -5.71 -30.73
CA ASP A 17 0.86 -4.57 -30.18
C ASP A 17 1.61 -4.96 -28.92
N SER A 18 1.00 -5.76 -28.05
CA SER A 18 1.67 -6.19 -26.83
C SER A 18 2.89 -7.04 -27.14
N ILE A 19 2.77 -7.96 -28.10
CA ILE A 19 3.91 -8.78 -28.48
C ILE A 19 5.03 -7.93 -29.07
N ARG A 20 4.67 -6.97 -29.94
CA ARG A 20 5.67 -6.08 -30.51
C ARG A 20 6.39 -5.29 -29.43
N LEU A 21 5.63 -4.73 -28.48
CA LEU A 21 6.24 -3.95 -27.40
C LEU A 21 7.17 -4.82 -26.56
N VAL A 22 6.73 -6.03 -26.20
CA VAL A 22 7.59 -6.91 -25.42
C VAL A 22 8.85 -7.25 -26.18
N LYS A 23 8.74 -7.44 -27.50
CA LYS A 23 9.92 -7.71 -28.31
C LYS A 23 10.89 -6.54 -28.28
N ARG A 24 10.37 -5.31 -28.36
CA ARG A 24 11.24 -4.13 -28.41
C ARG A 24 11.62 -3.59 -27.04
N CYS A 25 11.10 -4.15 -25.95
CA CYS A 25 11.52 -3.69 -24.63
C CYS A 25 12.96 -4.12 -24.34
N THR A 26 13.55 -3.48 -23.34
CA THR A 26 14.91 -3.76 -22.90
C THR A 26 14.82 -4.61 -21.63
N LYS A 27 14.96 -5.93 -21.80
CA LYS A 27 14.85 -6.83 -20.67
C LYS A 27 16.00 -6.59 -19.69
N PRO A 28 15.76 -6.78 -18.40
CA PRO A 28 16.85 -6.63 -17.43
C PRO A 28 17.86 -7.75 -17.57
N ASP A 29 19.14 -7.37 -17.72
CA ASP A 29 20.20 -8.35 -17.79
C ASP A 29 20.45 -8.96 -16.42
N ARG A 30 21.36 -9.92 -16.36
CA ARG A 30 21.69 -10.55 -15.09
C ARG A 30 22.13 -9.48 -14.11
N LYS A 31 23.10 -8.67 -14.51
CA LYS A 31 23.63 -7.67 -13.59
C LYS A 31 22.52 -6.72 -13.12
N GLU A 32 21.70 -6.23 -14.06
CA GLU A 32 20.61 -5.35 -13.68
C GLU A 32 19.59 -6.06 -12.79
N PHE A 33 19.25 -7.29 -13.13
CA PHE A 33 18.32 -8.05 -12.30
C PHE A 33 18.88 -8.29 -10.92
N GLN A 34 20.18 -8.62 -10.84
CA GLN A 34 20.82 -8.81 -9.54
C GLN A 34 20.78 -7.54 -8.71
N LYS A 35 21.05 -6.39 -9.34
CA LYS A 35 21.02 -5.13 -8.61
C LYS A 35 19.61 -4.82 -8.10
N ILE A 36 18.61 -4.99 -8.95
CA ILE A 36 17.24 -4.69 -8.55
C ILE A 36 16.80 -5.64 -7.44
N ALA A 37 17.11 -6.93 -7.58
CA ALA A 37 16.73 -7.91 -6.57
C ALA A 37 17.43 -7.63 -5.24
N MET A 38 18.71 -7.25 -5.29
CA MET A 38 19.42 -6.94 -4.06
C MET A 38 18.82 -5.72 -3.37
N ALA A 39 18.51 -4.68 -4.15
CA ALA A 39 17.90 -3.48 -3.56
C ALA A 39 16.54 -3.78 -2.97
N THR A 40 15.73 -4.56 -3.70
CA THR A 40 14.40 -4.92 -3.19
C THR A 40 14.49 -5.78 -1.94
N ALA A 41 15.42 -6.73 -1.92
CA ALA A 41 15.61 -7.56 -0.74
C ALA A 41 16.08 -6.73 0.45
N ILE A 42 16.97 -5.77 0.22
CA ILE A 42 17.45 -4.93 1.31
C ILE A 42 16.30 -4.07 1.85
N GLY A 43 15.51 -3.47 0.97
CA GLY A 43 14.39 -2.65 1.42
C GLY A 43 13.34 -3.46 2.16
N PHE A 44 13.00 -4.64 1.63
CA PHE A 44 12.04 -5.50 2.29
C PHE A 44 12.57 -5.95 3.65
N ALA A 45 13.84 -6.33 3.72
CA ALA A 45 14.42 -6.73 5.00
C ALA A 45 14.35 -5.60 6.00
N ILE A 46 14.76 -4.39 5.59
CA ILE A 46 14.71 -3.24 6.49
C ILE A 46 13.30 -3.05 7.03
N MET A 47 12.33 -2.84 6.13
CA MET A 47 10.98 -2.52 6.58
C MET A 47 10.36 -3.65 7.38
N GLY A 48 10.39 -4.86 6.83
CA GLY A 48 9.74 -5.99 7.49
C GLY A 48 10.37 -6.36 8.81
N PHE A 49 11.70 -6.34 8.89
CA PHE A 49 12.35 -6.71 10.14
C PHE A 49 12.26 -5.61 11.19
N ILE A 50 12.27 -4.34 10.78
CA ILE A 50 11.99 -3.29 11.76
C ILE A 50 10.58 -3.45 12.32
N GLY A 51 9.60 -3.71 11.46
CA GLY A 51 8.25 -3.94 11.94
C GLY A 51 8.14 -5.17 12.82
N PHE A 52 8.84 -6.25 12.44
CA PHE A 52 8.79 -7.48 13.21
C PHE A 52 9.40 -7.29 14.58
N PHE A 53 10.54 -6.61 14.66
CA PHE A 53 11.16 -6.35 15.96
C PHE A 53 10.30 -5.43 16.81
N VAL A 54 9.69 -4.40 16.20
CA VAL A 54 8.80 -3.52 16.95
C VAL A 54 7.63 -4.30 17.53
N LYS A 55 7.01 -5.16 16.72
CA LYS A 55 5.90 -5.97 17.20
C LYS A 55 6.34 -6.93 18.30
N LEU A 56 7.51 -7.54 18.13
CA LEU A 56 7.99 -8.52 19.10
C LEU A 56 8.34 -7.86 20.43
N ILE A 57 8.86 -6.63 20.40
CA ILE A 57 9.09 -5.90 21.63
C ILE A 57 7.77 -5.47 22.26
N HIS A 58 6.83 -5.02 21.44
CA HIS A 58 5.60 -4.45 22.00
C HIS A 58 4.61 -5.49 22.50
N ILE A 59 4.73 -6.75 22.07
CA ILE A 59 3.83 -7.79 22.59
C ILE A 59 4.00 -7.98 24.10
N PRO A 60 5.22 -8.20 24.64
CA PRO A 60 5.34 -8.22 26.11
C PRO A 60 4.94 -6.91 26.76
N ILE A 61 5.25 -5.78 26.14
CA ILE A 61 4.88 -4.48 26.72
C ILE A 61 3.37 -4.31 26.71
N ASN A 62 2.71 -4.69 25.63
CA ASN A 62 1.26 -4.64 25.58
C ASN A 62 0.65 -5.54 26.64
N ASN A 63 1.20 -6.75 26.81
CA ASN A 63 0.67 -7.65 27.82
C ASN A 63 0.87 -7.09 29.23
N ILE A 64 2.03 -6.48 29.48
CA ILE A 64 2.31 -5.92 30.81
C ILE A 64 1.36 -4.78 31.10
N ILE A 65 1.19 -3.86 30.16
CA ILE A 65 0.43 -2.65 30.44
C ILE A 65 -1.05 -2.96 30.60
N VAL A 66 -1.63 -3.74 29.68
CA VAL A 66 -3.07 -3.99 29.75
C VAL A 66 -3.37 -5.08 30.77
N GLY B 65 2.05 30.18 10.92
CA GLY B 65 2.34 28.77 10.71
C GLY B 65 3.60 28.32 11.41
N LEU B 66 3.42 27.57 12.49
CA LEU B 66 4.56 27.07 13.27
C LEU B 66 5.35 26.05 12.44
N LYS B 67 6.61 26.38 12.14
CA LYS B 67 7.46 25.52 11.34
C LYS B 67 8.43 24.77 12.25
N VAL B 68 8.44 23.45 12.14
CA VAL B 68 9.30 22.59 12.94
C VAL B 68 10.14 21.73 12.00
N GLY B 69 11.11 21.03 12.57
CA GLY B 69 11.99 20.18 11.81
C GLY B 69 11.68 18.71 12.03
N PRO B 70 12.57 17.83 11.56
CA PRO B 70 12.33 16.39 11.74
C PRO B 70 12.53 15.93 13.17
N VAL B 71 13.58 16.39 13.84
CA VAL B 71 13.81 16.01 15.24
C VAL B 71 12.68 16.48 16.15
N PRO B 72 12.18 17.72 16.04
CA PRO B 72 11.00 18.07 16.85
C PRO B 72 9.80 17.19 16.58
N VAL B 73 9.58 16.78 15.33
CA VAL B 73 8.47 15.88 15.02
C VAL B 73 8.67 14.53 15.68
N LEU B 74 9.90 14.01 15.63
CA LEU B 74 10.18 12.74 16.31
C LEU B 74 9.94 12.85 17.80
N VAL B 75 10.36 13.97 18.40
CA VAL B 75 10.15 14.16 19.84
C VAL B 75 8.67 14.25 20.15
N MET B 76 7.89 14.97 19.34
CA MET B 76 6.45 15.06 19.57
C MET B 76 5.78 13.71 19.47
N SER B 77 6.18 12.90 18.47
CA SER B 77 5.61 11.57 18.33
C SER B 77 5.96 10.69 19.54
N LEU B 78 7.21 10.75 19.99
CA LEU B 78 7.61 9.94 21.13
C LEU B 78 6.88 10.37 22.41
N LEU B 79 6.69 11.68 22.60
CA LEU B 79 5.96 12.14 23.77
C LEU B 79 4.47 11.82 23.68
N PHE B 80 3.88 11.82 22.49
CA PHE B 80 2.50 11.36 22.36
C PHE B 80 2.38 9.87 22.71
N ILE B 81 3.33 9.06 22.24
CA ILE B 81 3.36 7.65 22.60
C ILE B 81 3.49 7.49 24.12
N ALA B 82 4.38 8.28 24.73
CA ALA B 82 4.56 8.23 26.17
C ALA B 82 3.29 8.64 26.89
N SER B 83 2.58 9.64 26.38
CA SER B 83 1.34 10.08 27.02
C SER B 83 0.28 8.99 26.96
N VAL B 84 0.19 8.29 25.83
CA VAL B 84 -0.74 7.17 25.74
C VAL B 84 -0.36 6.08 26.73
N PHE B 85 0.93 5.77 26.84
CA PHE B 85 1.37 4.78 27.81
C PHE B 85 1.05 5.21 29.24
N MET B 86 1.26 6.48 29.57
CA MET B 86 0.94 6.95 30.91
C MET B 86 -0.56 6.91 31.18
N LEU B 87 -1.39 7.18 30.17
CA LEU B 87 -2.83 7.00 30.34
C LEU B 87 -3.16 5.54 30.65
N HIS B 88 -2.54 4.62 29.91
CA HIS B 88 -2.78 3.20 30.15
C HIS B 88 -2.33 2.79 31.55
N ILE B 89 -1.15 3.25 31.99
CA ILE B 89 -0.67 2.90 33.32
C ILE B 89 -1.53 3.53 34.40
N TRP B 90 -2.03 4.74 34.15
CA TRP B 90 -2.95 5.37 35.10
C TRP B 90 -4.20 4.53 35.25
N GLY B 91 -4.76 4.07 34.13
CA GLY B 91 -5.92 3.18 34.22
C GLY B 91 -5.61 1.89 34.96
N LYS B 92 -4.44 1.30 34.65
CA LYS B 92 -4.07 0.03 35.28
C LYS B 92 -3.92 0.17 36.79
N TYR B 93 -3.28 1.26 37.24
CA TYR B 93 -3.05 1.45 38.66
C TYR B 93 -4.24 2.07 39.39
N THR B 94 -5.23 2.60 38.67
CA THR B 94 -6.46 3.02 39.33
C THR B 94 -7.53 1.95 39.32
N ARG B 95 -7.39 0.91 38.51
CA ARG B 95 -8.30 -0.23 38.56
C ARG B 95 -7.94 -1.14 39.72
N GLU C 7 -11.65 31.57 0.50
CA GLU C 7 -10.68 32.39 1.20
C GLU C 7 -10.81 32.21 2.71
N VAL C 8 -12.02 31.85 3.15
CA VAL C 8 -12.26 31.65 4.58
C VAL C 8 -11.49 30.45 5.12
N ILE C 9 -11.02 29.56 4.25
CA ILE C 9 -10.19 28.45 4.70
C ILE C 9 -8.85 28.97 5.20
N LYS C 10 -8.31 30.02 4.58
CA LYS C 10 -6.98 30.50 4.91
C LYS C 10 -6.80 30.86 6.38
N PRO C 11 -7.74 31.54 7.06
CA PRO C 11 -7.55 31.74 8.51
C PRO C 11 -7.37 30.45 9.28
N PHE C 12 -8.07 29.38 8.90
CA PHE C 12 -7.91 28.10 9.58
C PHE C 12 -6.76 27.27 9.02
N CYS C 13 -6.18 27.67 7.88
CA CYS C 13 -5.07 26.93 7.31
C CYS C 13 -3.77 27.18 8.06
N VAL C 14 -3.64 28.36 8.68
CA VAL C 14 -2.38 28.76 9.31
C VAL C 14 -2.22 28.19 10.71
N ILE C 15 -3.27 27.61 11.29
CA ILE C 15 -3.27 27.21 12.68
C ILE C 15 -2.76 25.77 12.83
N LEU C 16 -2.14 25.25 11.78
CA LEU C 16 -1.60 23.90 11.81
C LEU C 16 -0.13 23.91 11.45
N PRO C 17 0.68 23.11 12.13
CA PRO C 17 2.14 23.13 11.89
C PRO C 17 2.49 22.63 10.49
N GLU C 18 3.59 23.16 9.97
CA GLU C 18 4.14 22.74 8.69
C GLU C 18 5.62 22.47 8.84
N ILE C 19 6.10 21.38 8.22
CA ILE C 19 7.50 21.01 8.33
C ILE C 19 8.36 22.04 7.62
N GLN C 20 9.49 22.39 8.24
CA GLN C 20 10.39 23.40 7.70
C GLN C 20 11.03 22.87 6.42
N LYS C 21 10.86 23.62 5.32
CA LYS C 21 11.36 23.19 4.03
C LYS C 21 12.86 23.40 3.95
N PRO C 22 13.66 22.35 3.81
CA PRO C 22 15.13 22.51 3.79
C PRO C 22 15.59 23.14 2.49
N GLU C 23 16.23 24.30 2.60
CA GLU C 23 16.74 24.98 1.42
C GLU C 23 17.85 24.17 0.76
N ARG C 24 18.73 23.60 1.57
CA ARG C 24 19.82 22.77 1.03
C ARG C 24 19.33 21.35 0.86
N LYS C 25 19.54 20.78 -0.32
CA LYS C 25 19.09 19.42 -0.57
C LYS C 25 19.85 18.43 0.31
N ILE C 26 19.14 17.41 0.77
CA ILE C 26 19.70 16.40 1.64
C ILE C 26 20.19 15.24 0.78
N GLN C 27 21.33 14.67 1.15
CA GLN C 27 21.87 13.55 0.40
C GLN C 27 21.11 12.27 0.74
N PHE C 28 21.42 11.21 0.00
CA PHE C 28 20.62 9.99 0.06
C PHE C 28 20.72 9.31 1.42
N LYS C 29 21.88 9.34 2.06
CA LYS C 29 22.06 8.63 3.33
C LYS C 29 21.13 9.17 4.41
N GLU C 30 21.10 10.50 4.58
CA GLU C 30 20.24 11.09 5.60
C GLU C 30 18.76 10.95 5.25
N LYS C 31 18.42 11.01 3.96
CA LYS C 31 17.04 10.77 3.56
C LYS C 31 16.60 9.35 3.91
N VAL C 32 17.46 8.37 3.66
CA VAL C 32 17.13 6.99 4.02
C VAL C 32 17.01 6.84 5.54
N LEU C 33 17.92 7.46 6.29
CA LEU C 33 17.85 7.36 7.74
C LEU C 33 16.56 7.97 8.27
N TRP C 34 16.16 9.13 7.74
CA TRP C 34 14.93 9.76 8.23
C TRP C 34 13.69 9.02 7.77
N THR C 35 13.72 8.40 6.58
CA THR C 35 12.63 7.52 6.18
C THR C 35 12.51 6.33 7.11
N ALA C 36 13.64 5.75 7.52
CA ALA C 36 13.63 4.65 8.47
C ALA C 36 13.07 5.11 9.81
N ILE C 37 13.44 6.31 10.25
CA ILE C 37 12.92 6.83 11.51
C ILE C 37 11.40 7.03 11.42
N THR C 38 10.93 7.58 10.30
CA THR C 38 9.49 7.79 10.12
C THR C 38 8.73 6.47 10.13
N LEU C 39 9.24 5.46 9.41
CA LEU C 39 8.55 4.18 9.40
C LEU C 39 8.63 3.49 10.76
N PHE C 40 9.72 3.69 11.50
CA PHE C 40 9.80 3.15 12.86
C PHE C 40 8.77 3.80 13.76
N ILE C 41 8.59 5.11 13.64
CA ILE C 41 7.57 5.80 14.43
C ILE C 41 6.19 5.28 14.09
N PHE C 42 5.90 5.11 12.81
CA PHE C 42 4.61 4.58 12.39
C PHE C 42 4.40 3.17 12.93
N LEU C 43 5.43 2.32 12.86
CA LEU C 43 5.31 0.95 13.34
C LEU C 43 5.10 0.91 14.85
N VAL C 44 5.80 1.75 15.60
CA VAL C 44 5.59 1.80 17.04
C VAL C 44 4.17 2.27 17.34
N CYS C 45 3.68 3.26 16.59
CA CYS C 45 2.33 3.78 16.83
C CYS C 45 1.27 2.73 16.53
N CYS C 46 1.48 1.89 15.52
CA CYS C 46 0.44 0.94 15.15
C CYS C 46 0.38 -0.28 16.07
N GLN C 47 1.32 -0.41 17.02
CA GLN C 47 1.26 -1.50 17.99
C GLN C 47 0.78 -1.05 19.35
N ILE C 48 0.53 0.23 19.55
CA ILE C 48 0.08 0.76 20.84
C ILE C 48 -1.44 0.82 20.82
N PRO C 49 -2.13 0.05 21.65
CA PRO C 49 -3.59 0.08 21.66
C PRO C 49 -4.12 1.39 22.19
N LEU C 50 -5.34 1.73 21.77
CA LEU C 50 -6.02 2.88 22.30
C LEU C 50 -6.44 2.64 23.75
N PHE C 51 -6.73 3.72 24.46
CA PHE C 51 -7.24 3.64 25.82
C PHE C 51 -8.76 3.77 25.82
N GLY C 52 -9.41 3.07 26.73
CA GLY C 52 -10.85 3.08 26.82
C GLY C 52 -11.56 2.03 26.01
N ILE C 53 -10.83 1.22 25.25
CA ILE C 53 -11.47 0.15 24.49
C ILE C 53 -12.04 -0.87 25.45
N MET C 54 -13.36 -1.03 25.45
CA MET C 54 -13.99 -1.96 26.37
C MET C 54 -13.73 -3.41 25.97
N SER C 55 -13.87 -3.73 24.68
CA SER C 55 -13.67 -5.08 24.21
C SER C 55 -13.33 -5.06 22.73
N SER C 56 -12.48 -6.00 22.31
CA SER C 56 -12.14 -6.19 20.90
C SER C 56 -12.56 -7.58 20.42
N ASP C 57 -13.50 -8.20 21.13
CA ASP C 57 -14.01 -9.52 20.78
C ASP C 57 -15.03 -9.49 19.66
N SER C 58 -15.55 -8.31 19.31
CA SER C 58 -16.54 -8.21 18.25
C SER C 58 -15.90 -8.43 16.89
N ALA C 59 -16.75 -8.57 15.88
CA ALA C 59 -16.27 -8.66 14.51
C ALA C 59 -15.60 -7.34 14.12
N ASP C 60 -14.75 -7.37 13.09
CA ASP C 60 -14.06 -6.15 12.67
C ASP C 60 -14.73 -5.62 11.43
N PRO C 61 -15.33 -4.43 11.52
CA PRO C 61 -16.08 -3.95 10.36
C PRO C 61 -15.23 -3.69 9.15
N PHE C 62 -14.04 -3.12 9.32
CA PHE C 62 -13.20 -2.74 8.18
C PHE C 62 -11.97 -3.61 8.00
N TYR C 63 -12.13 -4.92 7.98
CA TYR C 63 -11.01 -5.81 7.86
C TYR C 63 -10.42 -5.77 6.48
N TRP C 64 -11.13 -5.19 5.53
CA TRP C 64 -10.66 -5.19 4.15
C TRP C 64 -9.87 -3.95 3.83
N MET C 65 -9.92 -2.96 4.71
CA MET C 65 -9.16 -1.73 4.56
C MET C 65 -7.81 -1.77 5.26
N ARG C 66 -7.57 -2.77 6.11
CA ARG C 66 -6.36 -2.80 6.93
C ARG C 66 -5.10 -3.04 6.11
N VAL C 67 -5.22 -3.45 4.85
CA VAL C 67 -4.07 -3.70 4.00
C VAL C 67 -3.76 -2.49 3.12
N ILE C 68 -4.79 -1.89 2.52
CA ILE C 68 -4.58 -0.75 1.63
C ILE C 68 -4.44 0.56 2.38
N LEU C 69 -5.01 0.67 3.58
CA LEU C 69 -4.94 1.90 4.35
C LEU C 69 -3.88 1.87 5.44
N ALA C 70 -3.11 0.78 5.54
CA ALA C 70 -2.05 0.64 6.53
C ALA C 70 -2.58 0.87 7.94
N SER C 71 -3.75 0.32 8.21
CA SER C 71 -4.42 0.48 9.50
C SER C 71 -4.13 -0.71 10.41
N ASN C 72 -4.58 -0.58 11.66
CA ASN C 72 -4.47 -1.65 12.64
C ASN C 72 -5.58 -1.44 13.66
N ARG C 73 -6.46 -2.43 13.80
CA ARG C 73 -7.63 -2.25 14.64
C ARG C 73 -7.25 -2.13 16.11
N GLY C 74 -7.89 -1.19 16.80
CA GLY C 74 -7.73 -1.05 18.23
C GLY C 74 -6.47 -0.34 18.67
N THR C 75 -5.66 0.14 17.74
CA THR C 75 -4.42 0.84 18.06
C THR C 75 -4.52 2.29 17.63
N LEU C 76 -3.44 3.03 17.87
CA LEU C 76 -3.41 4.44 17.47
C LEU C 76 -3.52 4.58 15.95
N MET C 77 -2.85 3.72 15.21
CA MET C 77 -2.88 3.77 13.76
C MET C 77 -4.11 3.02 13.22
N GLU C 78 -5.28 3.34 13.74
CA GLU C 78 -6.49 2.64 13.33
C GLU C 78 -7.09 3.25 12.08
N LEU C 79 -7.06 4.58 11.97
CA LEU C 79 -7.47 5.21 10.72
C LEU C 79 -6.40 5.01 9.64
N GLY C 80 -5.17 4.79 10.05
CA GLY C 80 -4.10 4.56 9.09
C GLY C 80 -3.85 5.78 8.24
N ILE C 81 -3.81 5.58 6.93
CA ILE C 81 -3.57 6.66 5.98
C ILE C 81 -4.87 7.13 5.32
N SER C 82 -6.02 6.62 5.78
CA SER C 82 -7.29 7.02 5.17
C SER C 82 -7.54 8.52 5.19
N PRO C 83 -7.28 9.26 6.27
CA PRO C 83 -7.49 10.71 6.20
C PRO C 83 -6.66 11.39 5.11
N ILE C 84 -5.41 10.98 4.93
CA ILE C 84 -4.55 11.61 3.92
C ILE C 84 -5.13 11.37 2.52
N VAL C 85 -5.44 10.11 2.21
CA VAL C 85 -5.95 9.78 0.89
C VAL C 85 -7.28 10.47 0.63
N THR C 86 -8.17 10.47 1.63
CA THR C 86 -9.48 11.09 1.45
C THR C 86 -9.33 12.60 1.23
N SER C 87 -8.52 13.27 2.04
CA SER C 87 -8.34 14.70 1.88
C SER C 87 -7.69 15.04 0.55
N GLY C 88 -6.68 14.27 0.15
CA GLY C 88 -6.04 14.50 -1.13
C GLY C 88 -6.99 14.34 -2.30
N LEU C 89 -7.79 13.27 -2.28
CA LEU C 89 -8.76 13.06 -3.35
C LEU C 89 -9.80 14.18 -3.37
N ILE C 90 -10.26 14.60 -2.20
CA ILE C 90 -11.28 15.65 -2.14
C ILE C 90 -10.73 16.95 -2.72
N MET C 91 -9.51 17.32 -2.32
CA MET C 91 -8.93 18.57 -2.83
C MET C 91 -8.58 18.48 -4.31
N GLN C 92 -8.18 17.30 -4.79
CA GLN C 92 -7.94 17.15 -6.22
C GLN C 92 -9.24 17.31 -7.02
N LEU C 93 -10.34 16.75 -6.51
CA LEU C 93 -11.62 16.94 -7.17
C LEU C 93 -12.05 18.40 -7.13
N LEU C 94 -11.81 19.09 -6.02
CA LEU C 94 -12.13 20.51 -5.94
C LEU C 94 -11.32 21.31 -6.94
N ALA C 95 -10.03 21.01 -7.07
CA ALA C 95 -9.18 21.72 -8.03
C ALA C 95 -9.64 21.44 -9.45
N GLY C 96 -10.01 20.19 -9.75
CA GLY C 96 -10.55 19.86 -11.05
C GLY C 96 -11.85 20.55 -11.37
N ALA C 97 -12.69 20.77 -10.36
CA ALA C 97 -13.95 21.48 -10.54
C ALA C 97 -13.71 22.94 -10.89
N PRO C 106 4.15 28.81 -4.23
CA PRO C 106 4.39 29.84 -3.22
C PRO C 106 3.24 29.98 -2.23
N LYS C 107 2.62 31.16 -2.19
CA LYS C 107 1.49 31.37 -1.29
C LYS C 107 0.31 30.48 -1.67
N ASP C 108 0.08 30.28 -2.97
CA ASP C 108 -0.98 29.39 -3.41
C ASP C 108 -0.75 27.97 -2.93
N ARG C 109 0.49 27.48 -3.04
CA ARG C 109 0.80 26.13 -2.57
C ARG C 109 0.72 26.04 -1.04
N ALA C 110 1.10 27.11 -0.33
CA ALA C 110 0.94 27.11 1.11
C ALA C 110 -0.52 27.02 1.52
N LEU C 111 -1.39 27.77 0.82
CA LEU C 111 -2.82 27.67 1.08
C LEU C 111 -3.35 26.28 0.74
N PHE C 112 -2.86 25.69 -0.34
CA PHE C 112 -3.26 24.34 -0.72
C PHE C 112 -2.88 23.34 0.37
N ASN C 113 -1.66 23.44 0.89
CA ASN C 113 -1.22 22.53 1.94
C ASN C 113 -2.01 22.75 3.23
N GLY C 114 -2.32 24.01 3.56
CA GLY C 114 -3.15 24.28 4.72
C GLY C 114 -4.54 23.67 4.60
N ALA C 115 -5.14 23.78 3.42
CA ALA C 115 -6.44 23.15 3.19
C ALA C 115 -6.32 21.64 3.25
N GLN C 116 -5.23 21.08 2.73
CA GLN C 116 -4.95 19.65 2.89
C GLN C 116 -5.00 19.25 4.36
N LYS C 117 -4.28 19.99 5.20
CA LYS C 117 -4.24 19.66 6.63
C LYS C 117 -5.62 19.80 7.27
N LEU C 118 -6.33 20.87 6.94
CA LEU C 118 -7.64 21.10 7.53
C LEU C 118 -8.62 19.98 7.18
N PHE C 119 -8.67 19.62 5.90
CA PHE C 119 -9.55 18.53 5.49
C PHE C 119 -9.09 17.20 6.05
N GLY C 120 -7.77 17.00 6.22
CA GLY C 120 -7.30 15.78 6.85
C GLY C 120 -7.77 15.67 8.29
N MET C 121 -7.72 16.78 9.05
CA MET C 121 -8.21 16.75 10.42
C MET C 121 -9.71 16.54 10.46
N ILE C 122 -10.45 17.16 9.54
CA ILE C 122 -11.90 16.97 9.50
C ILE C 122 -12.24 15.52 9.21
N ILE C 123 -11.54 14.91 8.24
CA ILE C 123 -11.79 13.50 7.92
C ILE C 123 -11.40 12.61 9.08
N THR C 124 -10.32 12.96 9.78
CA THR C 124 -9.92 12.17 10.94
C THR C 124 -11.00 12.21 12.03
N ILE C 125 -11.54 13.39 12.30
CA ILE C 125 -12.61 13.49 13.31
C ILE C 125 -13.83 12.70 12.87
N GLY C 126 -14.23 12.85 11.60
CA GLY C 126 -15.41 12.14 11.12
C GLY C 126 -15.24 10.64 11.20
N GLN C 127 -14.08 10.13 10.78
CA GLN C 127 -13.84 8.70 10.82
C GLN C 127 -13.71 8.19 12.24
N SER C 128 -13.15 8.99 13.15
CA SER C 128 -13.10 8.58 14.56
C SER C 128 -14.51 8.46 15.12
N ILE C 129 -15.39 9.42 14.82
CA ILE C 129 -16.76 9.34 15.28
C ILE C 129 -17.46 8.12 14.70
N VAL C 130 -17.24 7.86 13.41
CA VAL C 130 -17.88 6.70 12.77
C VAL C 130 -17.39 5.40 13.42
N TYR C 131 -16.08 5.29 13.65
CA TYR C 131 -15.53 4.09 14.27
C TYR C 131 -16.06 3.90 15.68
N VAL C 132 -16.21 4.99 16.43
CA VAL C 132 -16.75 4.88 17.78
C VAL C 132 -18.20 4.43 17.75
N MET C 133 -19.00 5.00 16.84
CA MET C 133 -20.43 4.70 16.80
C MET C 133 -20.77 3.44 16.02
N THR C 134 -19.82 2.86 15.28
CA THR C 134 -20.14 1.69 14.46
C THR C 134 -20.27 0.42 15.29
N GLY C 135 -19.91 0.45 16.58
CA GLY C 135 -20.11 -0.67 17.48
C GLY C 135 -18.84 -1.32 17.99
N MET C 136 -17.70 -1.06 17.38
CA MET C 136 -16.46 -1.67 17.85
C MET C 136 -15.95 -0.91 19.09
N TYR C 137 -14.88 -1.44 19.68
CA TYR C 137 -14.33 -1.06 20.99
C TYR C 137 -15.27 -1.42 22.12
N GLY C 138 -16.45 -1.97 21.84
CA GLY C 138 -17.49 -2.14 22.83
C GLY C 138 -18.68 -1.23 22.52
N ASP C 139 -19.67 -1.29 23.40
CA ASP C 139 -20.89 -0.52 23.21
C ASP C 139 -20.61 0.96 23.44
N PRO C 140 -20.82 1.83 22.45
CA PRO C 140 -20.55 3.26 22.66
C PRO C 140 -21.41 3.89 23.74
N SER C 141 -22.66 3.43 23.91
CA SER C 141 -23.53 4.02 24.93
C SER C 141 -23.01 3.73 26.33
N GLU C 142 -22.57 2.50 26.58
CA GLU C 142 -22.06 2.13 27.89
C GLU C 142 -20.71 2.79 28.20
N MET C 143 -19.98 3.22 27.16
CA MET C 143 -18.66 3.80 27.37
C MET C 143 -18.74 5.10 28.15
N GLY C 144 -19.73 5.94 27.83
CA GLY C 144 -19.81 7.27 28.37
C GLY C 144 -19.14 8.29 27.48
N ALA C 145 -19.38 9.57 27.80
CA ALA C 145 -18.79 10.65 27.01
C ALA C 145 -17.29 10.68 27.15
N GLY C 146 -16.78 10.43 28.35
CA GLY C 146 -15.34 10.58 28.59
C GLY C 146 -14.50 9.63 27.78
N ILE C 147 -14.87 8.35 27.76
CA ILE C 147 -14.07 7.33 27.08
C ILE C 147 -14.10 7.55 25.57
N CYS C 148 -15.29 7.77 25.02
CA CYS C 148 -15.41 8.01 23.58
C CYS C 148 -14.67 9.28 23.18
N LEU C 149 -14.78 10.33 23.99
CA LEU C 149 -14.05 11.56 23.69
C LEU C 149 -12.55 11.33 23.73
N LEU C 150 -12.07 10.60 24.74
CA LEU C 150 -10.63 10.34 24.83
C LEU C 150 -10.14 9.55 23.63
N ILE C 151 -10.93 8.57 23.17
CA ILE C 151 -10.59 7.85 21.95
C ILE C 151 -10.55 8.83 20.76
N THR C 152 -11.48 9.78 20.73
CA THR C 152 -11.51 10.74 19.63
C THR C 152 -10.26 11.60 19.60
N ILE C 153 -9.83 12.13 20.75
CA ILE C 153 -8.57 12.89 20.77
C ILE C 153 -7.38 12.00 20.43
N GLN C 154 -7.37 10.75 20.90
CA GLN C 154 -6.25 9.87 20.56
C GLN C 154 -6.15 9.69 19.05
N LEU C 155 -7.28 9.42 18.40
CA LEU C 155 -7.26 9.23 16.94
C LEU C 155 -6.95 10.53 16.22
N PHE C 156 -7.43 11.67 16.74
CA PHE C 156 -7.15 12.96 16.12
C PHE C 156 -5.66 13.27 16.15
N VAL C 157 -5.01 13.04 17.29
CA VAL C 157 -3.59 13.29 17.40
C VAL C 157 -2.80 12.29 16.56
N ALA C 158 -3.27 11.04 16.49
CA ALA C 158 -2.62 10.07 15.62
C ALA C 158 -2.66 10.51 14.16
N GLY C 159 -3.82 10.98 13.71
CA GLY C 159 -3.93 11.47 12.33
C GLY C 159 -3.08 12.70 12.10
N LEU C 160 -3.00 13.58 13.09
CA LEU C 160 -2.12 14.74 12.97
C LEU C 160 -0.67 14.31 12.82
N ILE C 161 -0.24 13.31 13.59
CA ILE C 161 1.13 12.82 13.48
C ILE C 161 1.37 12.19 12.12
N VAL C 162 0.39 11.45 11.60
CA VAL C 162 0.55 10.85 10.28
C VAL C 162 0.70 11.94 9.21
N LEU C 163 -0.12 13.00 9.29
CA LEU C 163 0.03 14.09 8.34
C LEU C 163 1.38 14.78 8.49
N LEU C 164 1.86 14.95 9.71
CA LEU C 164 3.17 15.56 9.91
C LEU C 164 4.27 14.72 9.28
N LEU C 165 4.21 13.41 9.48
CA LEU C 165 5.21 12.52 8.89
C LEU C 165 5.14 12.53 7.36
N ASP C 166 3.92 12.50 6.81
CA ASP C 166 3.77 12.55 5.36
C ASP C 166 4.31 13.85 4.79
N GLU C 167 4.05 14.98 5.46
CA GLU C 167 4.56 16.26 4.99
C GLU C 167 6.08 16.32 5.11
N LEU C 168 6.64 15.72 6.16
CA LEU C 168 8.09 15.63 6.27
C LEU C 168 8.68 14.90 5.06
N LEU C 169 8.11 13.73 4.75
CA LEU C 169 8.60 12.96 3.62
C LEU C 169 8.44 13.72 2.31
N GLN C 170 7.32 14.41 2.13
CA GLN C 170 7.09 15.13 0.87
C GLN C 170 7.96 16.37 0.76
N LYS C 171 8.19 17.08 1.86
CA LYS C 171 9.00 18.28 1.84
C LYS C 171 10.48 17.98 1.69
N GLY C 172 10.91 16.77 2.03
CA GLY C 172 12.24 16.39 1.58
C GLY C 172 13.09 15.54 2.51
N TYR C 173 12.71 15.43 3.76
CA TYR C 173 13.50 14.59 4.64
C TYR C 173 13.29 13.11 4.38
N GLY C 174 12.47 12.73 3.41
CA GLY C 174 12.24 11.34 3.12
C GLY C 174 12.28 11.10 1.62
N LEU C 175 12.46 9.82 1.26
CA LEU C 175 12.63 9.45 -0.14
C LEU C 175 11.34 9.68 -0.92
N GLY C 176 10.22 9.17 -0.43
CA GLY C 176 8.99 9.21 -1.19
C GLY C 176 7.84 9.91 -0.48
N SER C 177 6.75 9.19 -0.26
CA SER C 177 5.57 9.72 0.39
C SER C 177 5.21 8.84 1.58
N GLY C 178 4.42 9.40 2.49
CA GLY C 178 3.98 8.64 3.64
C GLY C 178 3.07 7.49 3.28
N ILE C 179 2.21 7.69 2.28
CA ILE C 179 1.22 6.68 1.92
C ILE C 179 1.90 5.39 1.47
N SER C 180 2.77 5.50 0.45
CA SER C 180 3.44 4.32 -0.07
C SER C 180 4.34 3.69 0.97
N LEU C 181 5.06 4.52 1.73
CA LEU C 181 5.96 3.99 2.75
C LEU C 181 5.21 3.17 3.78
N PHE C 182 4.08 3.71 4.26
CA PHE C 182 3.33 3.01 5.29
C PHE C 182 2.69 1.73 4.75
N ILE C 183 2.15 1.78 3.54
CA ILE C 183 1.55 0.57 2.94
C ILE C 183 2.60 -0.52 2.79
N ALA C 184 3.74 -0.18 2.20
CA ALA C 184 4.79 -1.16 1.99
C ALA C 184 5.34 -1.67 3.32
N THR C 185 5.48 -0.79 4.31
CA THR C 185 5.99 -1.21 5.60
C THR C 185 5.05 -2.19 6.27
N ASN C 186 3.74 -1.93 6.23
CA ASN C 186 2.80 -2.87 6.82
C ASN C 186 2.81 -4.21 6.10
N ILE C 187 2.87 -4.20 4.76
CA ILE C 187 2.87 -5.45 4.03
C ILE C 187 4.14 -6.25 4.34
N CYS C 188 5.29 -5.59 4.34
CA CYS C 188 6.55 -6.28 4.63
C CYS C 188 6.56 -6.81 6.05
N GLU C 189 6.04 -6.03 7.00
CA GLU C 189 5.97 -6.51 8.38
C GLU C 189 5.07 -7.73 8.49
N THR C 190 3.94 -7.73 7.78
CA THR C 190 3.05 -8.89 7.80
C THR C 190 3.75 -10.12 7.23
N ILE C 191 4.47 -9.96 6.12
CA ILE C 191 5.15 -11.10 5.53
C ILE C 191 6.22 -11.64 6.47
N VAL C 192 7.03 -10.75 7.05
CA VAL C 192 8.10 -11.19 7.93
C VAL C 192 7.52 -11.82 9.20
N TRP C 193 6.40 -11.31 9.69
CA TRP C 193 5.77 -11.92 10.86
C TRP C 193 5.25 -13.31 10.54
N LYS C 194 4.55 -13.47 9.41
CA LYS C 194 4.09 -14.80 9.04
C LYS C 194 5.24 -15.75 8.77
N ALA C 195 6.42 -15.23 8.45
CA ALA C 195 7.58 -16.10 8.23
C ALA C 195 8.37 -16.40 9.50
N PHE C 196 8.28 -15.54 10.54
CA PHE C 196 9.15 -15.67 11.70
C PHE C 196 8.43 -15.39 13.01
N SER C 197 7.14 -15.68 13.09
CA SER C 197 6.41 -15.35 14.31
C SER C 197 6.72 -16.35 15.41
N PRO C 198 7.15 -15.90 16.59
CA PRO C 198 7.30 -16.81 17.72
C PRO C 198 5.99 -17.20 18.37
N THR C 199 4.87 -16.59 17.95
CA THR C 199 3.58 -16.93 18.53
C THR C 199 3.26 -18.39 18.29
N THR C 200 2.83 -19.08 19.36
CA THR C 200 2.53 -20.50 19.32
C THR C 200 1.04 -20.72 19.54
N VAL C 201 0.48 -21.69 18.82
CA VAL C 201 -0.90 -22.08 18.97
C VAL C 201 -0.96 -23.60 19.15
N ASN C 202 -1.79 -24.05 20.08
CA ASN C 202 -1.90 -25.47 20.41
C ASN C 202 -3.28 -25.99 20.06
N THR C 203 -3.32 -27.21 19.52
CA THR C 203 -4.57 -27.87 19.17
C THR C 203 -4.67 -29.29 19.71
N GLY C 204 -3.55 -29.95 19.98
CA GLY C 204 -3.54 -31.31 20.47
C GLY C 204 -2.41 -32.14 19.90
N ARG C 205 -1.93 -31.75 18.72
CA ARG C 205 -0.79 -32.43 18.13
C ARG C 205 0.52 -32.05 18.80
N GLY C 206 0.55 -30.91 19.50
CA GLY C 206 1.75 -30.39 20.12
C GLY C 206 1.83 -28.89 19.98
N MET C 207 2.86 -28.33 20.59
CA MET C 207 3.05 -26.89 20.59
C MET C 207 3.67 -26.48 19.26
N GLU C 208 2.93 -25.76 18.44
CA GLU C 208 3.34 -25.46 17.07
C GLU C 208 3.50 -23.96 16.90
N PHE C 209 4.62 -23.55 16.31
CA PHE C 209 4.87 -22.15 16.04
C PHE C 209 4.06 -21.67 14.83
N GLU C 210 3.58 -20.43 14.91
CA GLU C 210 2.89 -19.85 13.77
C GLU C 210 3.85 -19.53 12.63
N GLY C 211 5.04 -19.04 12.97
CA GLY C 211 6.04 -18.73 11.96
C GLY C 211 6.42 -19.93 11.12
N ALA C 212 6.45 -19.75 9.80
CA ALA C 212 6.72 -20.88 8.91
C ALA C 212 8.12 -21.42 9.09
N ILE C 213 9.12 -20.54 9.07
CA ILE C 213 10.51 -20.99 9.22
C ILE C 213 10.77 -21.47 10.65
N ILE C 214 10.18 -20.80 11.64
CA ILE C 214 10.35 -21.23 13.03
C ILE C 214 9.75 -22.61 13.23
N ALA C 215 8.66 -22.92 12.52
CA ALA C 215 8.06 -24.24 12.63
C ALA C 215 9.00 -25.32 12.12
N LEU C 216 9.70 -25.06 11.01
CA LEU C 216 10.64 -26.05 10.47
C LEU C 216 11.73 -26.40 11.49
N PHE C 217 12.33 -25.38 12.10
CA PHE C 217 13.34 -25.65 13.11
C PHE C 217 12.74 -26.36 14.31
N HIS C 218 11.53 -25.96 14.72
CA HIS C 218 10.90 -26.60 15.87
C HIS C 218 10.51 -28.05 15.56
N LEU C 219 9.90 -28.28 14.39
CA LEU C 219 9.42 -29.62 14.07
C LEU C 219 10.56 -30.61 13.95
N LEU C 220 11.64 -30.22 13.29
CA LEU C 220 12.78 -31.12 13.13
C LEU C 220 13.43 -31.43 14.48
N ALA C 221 13.64 -30.40 15.29
CA ALA C 221 14.26 -30.61 16.60
C ALA C 221 13.35 -31.42 17.53
N THR C 222 12.05 -31.09 17.55
CA THR C 222 11.12 -31.85 18.38
C THR C 222 10.99 -33.29 17.89
N ARG C 223 10.94 -33.49 16.58
CA ARG C 223 10.77 -34.82 16.02
C ARG C 223 12.05 -35.30 15.33
N VAL C 227 11.22 -36.80 8.60
CA VAL C 227 10.71 -36.76 7.24
C VAL C 227 9.30 -36.19 7.23
N ARG C 228 8.44 -36.69 8.09
CA ARG C 228 7.11 -36.15 8.19
C ARG C 228 7.18 -34.68 8.59
N ALA C 229 8.15 -34.34 9.43
CA ALA C 229 8.25 -32.95 9.88
C ALA C 229 8.30 -32.00 8.69
N LEU C 230 9.01 -32.38 7.62
CA LEU C 230 9.06 -31.55 6.43
C LEU C 230 7.69 -31.43 5.79
N ARG C 231 6.94 -32.54 5.71
CA ARG C 231 5.58 -32.47 5.18
C ARG C 231 4.71 -31.58 6.03
N GLU C 232 4.83 -31.69 7.36
CA GLU C 232 4.02 -30.86 8.24
C GLU C 232 4.36 -29.39 8.08
N ALA C 233 5.64 -29.06 7.89
CA ALA C 233 6.03 -27.67 7.75
C ALA C 233 5.70 -27.10 6.38
N PHE C 234 5.65 -27.93 5.35
CA PHE C 234 5.43 -27.44 4.00
C PHE C 234 3.96 -27.44 3.59
N TYR C 235 3.27 -28.57 3.75
CA TYR C 235 1.90 -28.72 3.30
C TYR C 235 0.87 -28.41 4.39
N ARG C 236 1.27 -27.67 5.42
CA ARG C 236 0.35 -27.34 6.51
C ARG C 236 -0.77 -26.44 5.98
N GLN C 237 -1.94 -26.54 6.61
CA GLN C 237 -3.12 -25.82 6.13
C GLN C 237 -3.77 -24.90 7.15
N ASN C 238 -3.22 -24.79 8.37
CA ASN C 238 -3.80 -23.90 9.37
C ASN C 238 -2.88 -22.77 9.80
N LEU C 239 -1.60 -22.82 9.47
CA LEU C 239 -0.62 -21.81 9.81
C LEU C 239 0.25 -21.54 8.59
N PRO C 240 0.98 -20.43 8.56
CA PRO C 240 1.82 -20.13 7.38
C PRO C 240 2.80 -21.26 7.09
N ASN C 241 3.00 -21.51 5.80
CA ASN C 241 3.78 -22.63 5.32
C ASN C 241 5.09 -22.16 4.72
N LEU C 242 5.98 -23.11 4.46
CA LEU C 242 7.18 -22.80 3.70
C LEU C 242 6.90 -22.72 2.20
N MET C 243 5.91 -23.47 1.71
CA MET C 243 5.52 -23.31 0.32
C MET C 243 4.89 -21.94 0.07
N ASN C 244 4.17 -21.40 1.04
CA ASN C 244 3.66 -20.04 0.90
C ASN C 244 4.80 -19.03 0.81
N LEU C 245 5.83 -19.20 1.63
CA LEU C 245 7.00 -18.33 1.55
C LEU C 245 7.73 -18.50 0.22
N ILE C 246 7.81 -19.73 -0.29
CA ILE C 246 8.43 -19.95 -1.59
C ILE C 246 7.64 -19.25 -2.69
N ALA C 247 6.32 -19.32 -2.61
CA ALA C 247 5.48 -18.60 -3.56
C ALA C 247 5.68 -17.10 -3.45
N THR C 248 5.81 -16.58 -2.23
CA THR C 248 6.06 -15.17 -2.03
C THR C 248 7.39 -14.75 -2.66
N ILE C 249 8.43 -15.55 -2.46
CA ILE C 249 9.74 -15.24 -3.04
C ILE C 249 9.68 -15.31 -4.57
N PHE C 250 8.98 -16.31 -5.11
CA PHE C 250 8.85 -16.43 -6.55
C PHE C 250 8.10 -15.25 -7.15
N VAL C 251 7.04 -14.80 -6.47
CA VAL C 251 6.30 -13.64 -6.97
C VAL C 251 7.15 -12.38 -6.86
N PHE C 252 7.92 -12.24 -5.77
CA PHE C 252 8.88 -11.13 -5.70
C PHE C 252 9.80 -11.13 -6.90
N ALA C 253 10.39 -12.29 -7.22
CA ALA C 253 11.34 -12.35 -8.32
C ALA C 253 10.67 -12.02 -9.65
N VAL C 254 9.47 -12.56 -9.88
CA VAL C 254 8.80 -12.33 -11.16
C VAL C 254 8.38 -10.86 -11.29
N VAL C 255 7.85 -10.28 -10.22
CA VAL C 255 7.45 -8.88 -10.28
C VAL C 255 8.66 -7.97 -10.45
N ILE C 256 9.79 -8.33 -9.84
CA ILE C 256 11.02 -7.56 -10.05
C ILE C 256 11.45 -7.63 -11.51
N TYR C 257 11.41 -8.84 -12.08
CA TYR C 257 11.82 -9.01 -13.47
C TYR C 257 10.92 -8.19 -14.40
N PHE C 258 9.62 -8.20 -14.17
CA PHE C 258 8.71 -7.46 -15.03
C PHE C 258 8.79 -5.96 -14.78
N GLN C 259 9.12 -5.55 -13.55
CA GLN C 259 9.31 -4.14 -13.25
C GLN C 259 10.53 -3.59 -13.95
N GLY C 260 11.59 -4.41 -14.09
CA GLY C 260 12.77 -3.96 -14.80
C GLY C 260 12.56 -3.73 -16.28
N PHE C 261 11.45 -4.22 -16.84
CA PHE C 261 11.15 -4.00 -18.25
C PHE C 261 10.99 -2.52 -18.54
N ARG C 262 11.48 -2.11 -19.71
CA ARG C 262 11.35 -0.71 -20.13
C ARG C 262 11.54 -0.62 -21.62
N TYR C 263 10.99 0.44 -22.21
CA TYR C 263 11.20 0.77 -23.60
C TYR C 263 12.09 2.01 -23.64
N GLU C 264 13.22 1.90 -24.32
CA GLU C 264 14.23 2.96 -24.34
C GLU C 264 14.12 3.75 -25.63
N LEU C 265 13.49 4.91 -25.56
CA LEU C 265 13.46 5.83 -26.70
C LEU C 265 14.74 6.64 -26.77
N PRO C 266 15.47 6.60 -27.87
CA PRO C 266 16.62 7.52 -28.02
C PRO C 266 16.13 8.90 -28.41
N ILE C 267 16.27 9.85 -27.49
CA ILE C 267 15.81 11.21 -27.72
C ILE C 267 17.01 12.13 -27.82
N ARG C 268 16.88 13.16 -28.65
CA ARG C 268 17.93 14.15 -28.87
C ARG C 268 17.41 15.49 -28.37
N SER C 269 18.18 16.56 -28.58
CA SER C 269 17.73 17.89 -28.20
C SER C 269 17.95 18.84 -29.36
N THR C 270 16.97 19.72 -29.60
CA THR C 270 17.05 20.67 -30.71
C THR C 270 17.30 22.10 -30.25
N LYS C 271 16.96 22.45 -29.00
CA LYS C 271 17.21 23.80 -28.51
C LYS C 271 18.68 23.98 -28.17
N VAL C 272 19.17 23.23 -27.19
CA VAL C 272 20.60 23.20 -26.90
C VAL C 272 21.24 22.19 -27.84
N ARG C 273 21.86 22.68 -28.91
CA ARG C 273 22.34 21.78 -29.95
C ARG C 273 23.40 20.84 -29.39
N GLY C 274 23.00 19.61 -29.16
CA GLY C 274 23.84 18.60 -28.53
C GLY C 274 23.48 18.38 -27.09
N GLN C 275 22.62 17.39 -26.86
CA GLN C 275 22.35 16.82 -25.55
C GLN C 275 21.57 15.52 -25.78
N ILE C 276 22.13 14.39 -25.37
CA ILE C 276 21.56 13.10 -25.74
C ILE C 276 21.13 12.38 -24.47
N GLY C 277 19.96 11.74 -24.55
CA GLY C 277 19.44 11.00 -23.43
C GLY C 277 18.52 9.89 -23.91
N ILE C 278 18.12 9.06 -22.96
CA ILE C 278 17.20 7.95 -23.22
C ILE C 278 15.94 8.18 -22.41
N TYR C 279 14.79 8.20 -23.09
CA TYR C 279 13.53 8.37 -22.42
C TYR C 279 12.90 7.00 -22.20
N PRO C 280 12.82 6.51 -20.96
CA PRO C 280 12.32 5.15 -20.74
C PRO C 280 10.81 5.09 -20.55
N ILE C 281 10.16 4.22 -21.29
CA ILE C 281 8.73 3.94 -21.13
C ILE C 281 8.62 2.55 -20.53
N LYS C 282 8.42 2.48 -19.22
CA LYS C 282 8.39 1.21 -18.52
C LYS C 282 7.18 0.38 -18.95
N LEU C 283 7.32 -0.94 -18.83
CA LEU C 283 6.17 -1.82 -19.05
C LEU C 283 5.08 -1.54 -18.02
N PHE C 284 5.47 -1.39 -16.76
CA PHE C 284 4.55 -1.00 -15.70
C PHE C 284 4.42 0.53 -15.73
N TYR C 285 3.74 1.01 -16.77
CA TYR C 285 3.72 2.45 -17.04
C TYR C 285 3.06 3.21 -15.90
N THR C 286 1.98 2.67 -15.34
CA THR C 286 1.27 3.30 -14.25
C THR C 286 1.76 2.86 -12.87
N SER C 287 2.83 2.08 -12.82
CA SER C 287 3.42 1.57 -11.56
C SER C 287 2.36 0.70 -10.88
N ASN C 288 1.99 0.96 -9.64
CA ASN C 288 1.02 0.15 -8.91
C ASN C 288 -0.36 0.77 -8.89
N ILE C 289 -0.59 1.81 -9.69
CA ILE C 289 -1.91 2.46 -9.69
C ILE C 289 -3.03 1.50 -10.05
N PRO C 290 -2.90 0.61 -11.05
CA PRO C 290 -3.99 -0.36 -11.27
C PRO C 290 -4.29 -1.20 -10.04
N ILE C 291 -3.25 -1.65 -9.34
CA ILE C 291 -3.45 -2.43 -8.13
C ILE C 291 -4.12 -1.59 -7.05
N ILE C 292 -3.65 -0.35 -6.85
CA ILE C 292 -4.23 0.50 -5.82
C ILE C 292 -5.71 0.75 -6.09
N LEU C 293 -6.04 1.12 -7.33
CA LEU C 293 -7.42 1.42 -7.67
C LEU C 293 -8.31 0.19 -7.55
N GLN C 294 -7.87 -0.93 -8.12
CA GLN C 294 -8.69 -2.14 -8.07
C GLN C 294 -8.89 -2.62 -6.64
N SER C 295 -7.81 -2.63 -5.85
CA SER C 295 -7.92 -3.11 -4.48
C SER C 295 -8.77 -2.18 -3.63
N ALA C 296 -8.65 -0.86 -3.83
CA ALA C 296 -9.50 0.07 -3.10
C ALA C 296 -10.97 -0.13 -3.45
N LEU C 297 -11.26 -0.32 -4.74
CA LEU C 297 -12.65 -0.55 -5.16
C LEU C 297 -13.19 -1.83 -4.55
N VAL C 298 -12.41 -2.92 -4.61
CA VAL C 298 -12.88 -4.21 -4.11
C VAL C 298 -13.05 -4.16 -2.59
N SER C 299 -12.11 -3.52 -1.88
CA SER C 299 -12.22 -3.44 -0.42
C SER C 299 -13.40 -2.58 0.01
N ASN C 300 -13.64 -1.48 -0.69
CA ASN C 300 -14.79 -0.66 -0.36
C ASN C 300 -16.09 -1.41 -0.64
N LEU C 301 -16.12 -2.19 -1.73
CA LEU C 301 -17.29 -3.00 -2.00
C LEU C 301 -17.49 -4.05 -0.91
N TYR C 302 -16.41 -4.67 -0.44
CA TYR C 302 -16.51 -5.63 0.65
C TYR C 302 -17.10 -4.98 1.90
N VAL C 303 -16.58 -3.81 2.27
CA VAL C 303 -17.03 -3.14 3.48
C VAL C 303 -18.50 -2.76 3.36
N ILE C 304 -18.88 -2.19 2.22
CA ILE C 304 -20.27 -1.78 2.01
C ILE C 304 -21.20 -2.98 2.04
N SER C 305 -20.83 -4.07 1.36
CA SER C 305 -21.67 -5.25 1.35
C SER C 305 -21.80 -5.86 2.73
N GLN C 306 -20.70 -5.93 3.48
CA GLN C 306 -20.76 -6.49 4.82
C GLN C 306 -21.65 -5.67 5.73
N MET C 307 -21.50 -4.34 5.69
CA MET C 307 -22.32 -3.49 6.54
C MET C 307 -23.78 -3.56 6.15
N LEU C 308 -24.08 -3.59 4.84
CA LEU C 308 -25.48 -3.69 4.41
C LEU C 308 -26.09 -5.03 4.78
N SER C 309 -25.32 -6.12 4.66
CA SER C 309 -25.84 -7.44 5.03
C SER C 309 -25.97 -7.59 6.54
N ALA C 310 -25.20 -6.83 7.32
CA ALA C 310 -25.37 -6.87 8.76
C ALA C 310 -26.68 -6.21 9.19
N ARG C 311 -27.05 -5.11 8.55
CA ARG C 311 -28.26 -4.37 8.93
C ARG C 311 -29.47 -4.81 8.11
N PHE C 312 -29.42 -4.63 6.80
CA PHE C 312 -30.55 -4.91 5.92
C PHE C 312 -30.43 -6.30 5.30
N SER C 313 -30.34 -7.31 6.17
CA SER C 313 -30.27 -8.68 5.70
C SER C 313 -31.65 -9.15 5.24
N GLY C 314 -31.70 -9.73 4.04
CA GLY C 314 -32.93 -10.23 3.46
C GLY C 314 -33.31 -9.53 2.16
N ASN C 315 -32.88 -8.28 1.99
CA ASN C 315 -33.18 -7.56 0.76
C ASN C 315 -32.49 -8.23 -0.43
N LEU C 316 -33.18 -8.25 -1.57
CA LEU C 316 -32.62 -8.89 -2.76
C LEU C 316 -31.37 -8.16 -3.25
N LEU C 317 -31.39 -6.84 -3.22
CA LEU C 317 -30.24 -6.07 -3.69
C LEU C 317 -29.01 -6.34 -2.83
N VAL C 318 -29.18 -6.40 -1.51
CA VAL C 318 -28.05 -6.68 -0.63
C VAL C 318 -27.56 -8.11 -0.86
N SER C 319 -28.47 -9.05 -1.11
CA SER C 319 -28.07 -10.42 -1.39
C SER C 319 -27.25 -10.50 -2.67
N LEU C 320 -27.65 -9.77 -3.71
CA LEU C 320 -26.86 -9.74 -4.93
C LEU C 320 -25.52 -9.07 -4.71
N LEU C 321 -25.48 -8.02 -3.89
CA LEU C 321 -24.21 -7.36 -3.58
C LEU C 321 -23.26 -8.27 -2.83
N GLY C 322 -23.77 -9.32 -2.18
CA GLY C 322 -22.92 -10.28 -1.52
C GLY C 322 -23.50 -10.86 -0.25
N THR C 323 -23.47 -12.18 -0.14
CA THR C 323 -23.93 -12.89 1.05
C THR C 323 -22.70 -13.47 1.74
N TRP C 324 -22.52 -13.13 3.01
CA TRP C 324 -21.30 -13.47 3.74
C TRP C 324 -21.54 -14.63 4.69
N SER C 325 -20.44 -15.29 5.06
CA SER C 325 -20.49 -16.41 5.99
C SER C 325 -19.78 -16.07 7.29
N ARG C 334 -13.41 -14.53 10.61
CA ARG C 334 -13.33 -13.77 9.36
C ARG C 334 -14.45 -14.20 8.41
N ALA C 335 -15.31 -13.24 8.06
CA ALA C 335 -16.44 -13.52 7.18
C ALA C 335 -15.97 -13.45 5.73
N TYR C 336 -16.14 -14.56 5.00
CA TYR C 336 -15.78 -14.63 3.59
C TYR C 336 -17.03 -14.78 2.73
N PRO C 337 -17.05 -14.19 1.53
CA PRO C 337 -18.25 -14.28 0.70
C PRO C 337 -18.47 -15.68 0.18
N VAL C 338 -19.75 -16.01 -0.02
CA VAL C 338 -20.13 -17.32 -0.55
C VAL C 338 -20.87 -17.14 -1.86
N GLY C 339 -21.53 -16.01 -2.02
CA GLY C 339 -22.26 -15.71 -3.24
C GLY C 339 -22.44 -14.22 -3.42
N GLY C 340 -22.54 -13.81 -4.67
CA GLY C 340 -22.78 -12.43 -5.01
C GLY C 340 -21.61 -11.78 -5.72
N LEU C 341 -21.74 -10.47 -5.93
CA LEU C 341 -20.69 -9.71 -6.62
C LEU C 341 -19.39 -9.74 -5.83
N CYS C 342 -19.47 -9.57 -4.50
CA CYS C 342 -18.27 -9.63 -3.69
C CYS C 342 -17.65 -11.02 -3.70
N TYR C 343 -18.45 -12.07 -3.89
CA TYR C 343 -17.90 -13.41 -4.02
C TYR C 343 -17.16 -13.56 -5.35
N TYR C 344 -17.79 -13.12 -6.44
CA TYR C 344 -17.14 -13.24 -7.74
C TYR C 344 -15.94 -12.31 -7.88
N LEU C 345 -15.83 -11.31 -7.02
CA LEU C 345 -14.67 -10.44 -7.00
C LEU C 345 -13.59 -10.92 -6.03
N SER C 346 -13.80 -12.07 -5.37
CA SER C 346 -12.90 -12.57 -4.35
C SER C 346 -12.02 -13.69 -4.89
N PRO C 347 -10.74 -13.71 -4.50
CA PRO C 347 -9.87 -14.80 -4.89
C PRO C 347 -10.36 -16.11 -4.30
N PRO C 348 -10.11 -17.23 -4.97
CA PRO C 348 -10.46 -18.52 -4.38
C PRO C 348 -9.73 -18.75 -3.08
N GLU C 349 -10.42 -19.37 -2.12
CA GLU C 349 -9.84 -19.59 -0.80
C GLU C 349 -8.64 -20.52 -0.87
N SER C 350 -8.71 -21.56 -1.70
CA SER C 350 -7.61 -22.50 -1.87
C SER C 350 -7.76 -23.15 -3.23
N PHE C 351 -6.91 -24.15 -3.49
CA PHE C 351 -7.01 -24.89 -4.74
C PHE C 351 -8.33 -25.64 -4.83
N GLY C 352 -8.78 -26.24 -3.72
CA GLY C 352 -10.07 -26.89 -3.71
C GLY C 352 -11.21 -25.96 -4.07
N SER C 353 -11.09 -24.67 -3.70
CA SER C 353 -12.07 -23.69 -4.13
C SER C 353 -12.05 -23.53 -5.65
N VAL C 354 -10.86 -23.58 -6.25
CA VAL C 354 -10.76 -23.50 -7.71
C VAL C 354 -11.43 -24.69 -8.36
N LEU C 355 -11.14 -25.90 -7.86
CA LEU C 355 -11.72 -27.10 -8.46
C LEU C 355 -13.23 -27.14 -8.27
N GLU C 356 -13.74 -26.77 -7.09
CA GLU C 356 -15.17 -26.88 -6.85
C GLU C 356 -15.96 -25.88 -7.67
N ASP C 357 -15.42 -24.69 -7.89
CA ASP C 357 -16.09 -23.62 -8.62
C ASP C 357 -15.13 -23.03 -9.66
N PRO C 358 -14.89 -23.75 -10.75
CA PRO C 358 -14.04 -23.18 -11.81
C PRO C 358 -14.63 -21.94 -12.45
N VAL C 359 -15.96 -21.82 -12.46
CA VAL C 359 -16.60 -20.63 -13.04
C VAL C 359 -16.20 -19.39 -12.25
N HIS C 360 -16.18 -19.50 -10.92
CA HIS C 360 -15.75 -18.36 -10.10
C HIS C 360 -14.30 -18.00 -10.38
N ALA C 361 -13.44 -19.00 -10.55
CA ALA C 361 -12.04 -18.72 -10.85
C ALA C 361 -11.91 -17.98 -12.18
N VAL C 362 -12.64 -18.43 -13.21
CA VAL C 362 -12.57 -17.77 -14.51
C VAL C 362 -13.09 -16.34 -14.42
N VAL C 363 -14.23 -16.15 -13.74
CA VAL C 363 -14.80 -14.82 -13.65
C VAL C 363 -13.87 -13.89 -12.87
N TYR C 364 -13.25 -14.38 -11.79
CA TYR C 364 -12.34 -13.56 -11.03
C TYR C 364 -11.10 -13.18 -11.85
N ILE C 365 -10.56 -14.14 -12.61
CA ILE C 365 -9.39 -13.84 -13.44
C ILE C 365 -9.73 -12.79 -14.48
N VAL C 366 -10.87 -12.97 -15.16
CA VAL C 366 -11.29 -12.01 -16.17
C VAL C 366 -11.51 -10.64 -15.56
N PHE C 367 -12.17 -10.58 -14.39
CA PHE C 367 -12.40 -9.30 -13.74
C PHE C 367 -11.08 -8.63 -13.37
N MET C 368 -10.15 -9.39 -12.80
CA MET C 368 -8.88 -8.83 -12.39
C MET C 368 -8.12 -8.24 -13.59
N LEU C 369 -7.97 -9.03 -14.66
CA LEU C 369 -7.22 -8.57 -15.81
C LEU C 369 -7.91 -7.36 -16.46
N GLY C 370 -9.22 -7.45 -16.69
CA GLY C 370 -9.92 -6.35 -17.34
C GLY C 370 -9.92 -5.09 -16.52
N SER C 371 -10.17 -5.21 -15.21
CA SER C 371 -10.17 -4.03 -14.35
C SER C 371 -8.79 -3.39 -14.28
N CYS C 372 -7.74 -4.20 -14.17
CA CYS C 372 -6.40 -3.63 -14.11
C CYS C 372 -6.03 -2.92 -15.41
N ALA C 373 -6.33 -3.53 -16.56
CA ALA C 373 -6.04 -2.87 -17.83
C ALA C 373 -6.84 -1.59 -17.99
N PHE C 374 -8.14 -1.63 -17.67
CA PHE C 374 -8.97 -0.45 -17.81
C PHE C 374 -8.51 0.66 -16.88
N PHE C 375 -8.16 0.32 -15.64
CA PHE C 375 -7.67 1.33 -14.71
C PHE C 375 -6.35 1.92 -15.18
N SER C 376 -5.48 1.09 -15.77
CA SER C 376 -4.21 1.60 -16.28
C SER C 376 -4.42 2.61 -17.41
N LYS C 377 -5.24 2.26 -18.40
CA LYS C 377 -5.45 3.19 -19.50
C LYS C 377 -6.19 4.45 -19.04
N THR C 378 -7.18 4.29 -18.15
CA THR C 378 -7.86 5.46 -17.62
C THR C 378 -6.90 6.35 -16.83
N TRP C 379 -5.96 5.76 -16.10
CA TRP C 379 -5.02 6.56 -15.34
C TRP C 379 -4.05 7.31 -16.24
N ILE C 380 -3.60 6.68 -17.33
CA ILE C 380 -2.74 7.45 -18.24
C ILE C 380 -3.53 8.55 -18.92
N GLU C 381 -4.84 8.35 -19.13
CA GLU C 381 -5.65 9.43 -19.67
C GLU C 381 -5.84 10.56 -18.66
N VAL C 382 -5.92 10.24 -17.38
CA VAL C 382 -6.30 11.23 -16.38
C VAL C 382 -5.08 11.97 -15.84
N SER C 383 -4.09 11.22 -15.33
CA SER C 383 -3.00 11.83 -14.57
C SER C 383 -2.19 12.82 -15.40
N GLY C 384 -1.94 12.49 -16.67
CA GLY C 384 -1.16 13.38 -17.51
C GLY C 384 0.06 12.74 -18.12
N SER C 385 0.05 11.41 -18.24
CA SER C 385 1.10 10.67 -18.93
C SER C 385 0.62 10.16 -20.29
N SER C 386 -0.47 10.72 -20.80
CA SER C 386 -1.03 10.31 -22.08
C SER C 386 -0.06 10.66 -23.20
N PRO C 387 -0.14 9.95 -24.33
CA PRO C 387 0.75 10.26 -25.47
C PRO C 387 0.68 11.71 -25.91
N ARG C 388 -0.51 12.31 -25.91
CA ARG C 388 -0.61 13.73 -26.24
C ARG C 388 0.14 14.59 -25.24
N ASP C 389 0.02 14.28 -23.95
CA ASP C 389 0.72 15.06 -22.93
C ASP C 389 2.22 14.87 -23.02
N ILE C 390 2.69 13.65 -23.29
CA ILE C 390 4.13 13.43 -23.43
C ILE C 390 4.66 14.12 -24.67
N ALA C 391 3.87 14.13 -25.76
CA ALA C 391 4.30 14.86 -26.95
C ALA C 391 4.36 16.36 -26.68
N LYS C 392 3.40 16.88 -25.91
CA LYS C 392 3.42 18.30 -25.56
C LYS C 392 4.64 18.61 -24.70
N GLN C 393 4.98 17.70 -23.78
CA GLN C 393 6.19 17.87 -22.97
C GLN C 393 7.44 17.86 -23.83
N PHE C 394 7.50 16.96 -24.83
CA PHE C 394 8.63 16.93 -25.74
C PHE C 394 8.74 18.24 -26.51
N LYS C 395 7.62 18.76 -26.98
CA LYS C 395 7.65 20.02 -27.73
C LYS C 395 8.08 21.18 -26.84
N ASP C 396 7.70 21.16 -25.57
CA ASP C 396 8.11 22.22 -24.65
C ASP C 396 9.59 22.18 -24.32
N GLN C 397 10.26 21.04 -24.48
CA GLN C 397 11.65 20.90 -24.12
C GLN C 397 12.57 20.74 -25.32
N GLY C 398 12.02 20.71 -26.53
CA GLY C 398 12.83 20.54 -27.72
C GLY C 398 13.29 19.13 -27.98
N MET C 399 12.98 18.19 -27.10
CA MET C 399 13.41 16.81 -27.30
C MET C 399 12.69 16.20 -28.49
N VAL C 400 13.46 15.53 -29.35
CA VAL C 400 12.93 14.81 -30.50
C VAL C 400 13.52 13.41 -30.49
N ILE C 401 12.73 12.43 -30.93
CA ILE C 401 13.25 11.09 -31.04
C ILE C 401 14.36 11.08 -32.08
N ASN C 402 15.34 10.19 -31.88
CA ASN C 402 16.61 10.28 -32.59
C ASN C 402 16.43 10.17 -34.09
N GLY C 403 15.64 9.19 -34.52
CA GLY C 403 15.45 8.98 -35.95
C GLY C 403 14.12 9.51 -36.42
N LYS C 404 13.10 9.38 -35.59
CA LYS C 404 11.79 9.87 -35.95
C LYS C 404 11.82 11.37 -36.09
N ARG C 405 11.20 11.88 -37.15
CA ARG C 405 11.14 13.32 -37.37
C ARG C 405 10.27 14.00 -36.34
N GLU C 406 10.47 15.29 -36.14
CA GLU C 406 9.67 16.04 -35.17
C GLU C 406 8.18 15.84 -35.42
N THR C 407 7.80 15.65 -36.68
CA THR C 407 6.40 15.38 -36.96
C THR C 407 5.92 14.10 -36.29
N SER C 408 6.74 13.05 -36.37
CA SER C 408 6.39 11.76 -35.76
C SER C 408 6.98 11.66 -34.35
N ILE C 409 6.51 12.55 -33.48
CA ILE C 409 6.81 12.46 -32.06
C ILE C 409 5.62 11.94 -31.26
N TYR C 410 4.41 12.41 -31.54
CA TYR C 410 3.21 11.90 -30.90
C TYR C 410 2.81 10.53 -31.43
N ARG C 411 2.97 10.30 -32.73
CA ARG C 411 2.61 9.00 -33.30
C ARG C 411 3.48 7.90 -32.72
N GLU C 412 4.79 8.12 -32.63
CA GLU C 412 5.67 7.12 -32.03
C GLU C 412 5.40 6.94 -30.55
N LEU C 413 4.76 7.91 -29.90
CA LEU C 413 4.29 7.75 -28.55
C LEU C 413 2.89 7.14 -28.49
N LYS C 414 2.05 7.42 -29.48
CA LYS C 414 0.74 6.79 -29.56
C LYS C 414 0.82 5.31 -29.87
N LYS C 415 1.92 4.85 -30.46
CA LYS C 415 2.13 3.44 -30.72
C LYS C 415 2.74 2.69 -29.55
N ILE C 416 3.13 3.38 -28.48
CA ILE C 416 3.83 2.74 -27.37
C ILE C 416 3.06 2.93 -26.07
N ILE C 417 2.84 4.19 -25.69
CA ILE C 417 2.29 4.49 -24.36
C ILE C 417 0.93 3.84 -24.11
N PRO C 418 -0.04 3.89 -25.04
CA PRO C 418 -1.31 3.19 -24.76
C PRO C 418 -1.13 1.69 -24.63
N THR C 419 -0.41 1.07 -25.56
CA THR C 419 -0.16 -0.37 -25.48
C THR C 419 0.63 -0.71 -24.23
N ALA C 420 1.65 0.09 -23.90
CA ALA C 420 2.44 -0.17 -22.70
C ALA C 420 1.58 -0.10 -21.46
N ALA C 421 0.71 0.92 -21.38
CA ALA C 421 -0.15 1.06 -20.21
C ALA C 421 -1.13 -0.10 -20.08
N ALA C 422 -1.81 -0.43 -21.17
CA ALA C 422 -2.79 -1.52 -21.11
C ALA C 422 -2.13 -2.84 -20.78
N PHE C 423 -0.99 -3.14 -21.41
CA PHE C 423 -0.31 -4.39 -21.14
C PHE C 423 0.33 -4.41 -19.76
N GLY C 424 0.76 -3.27 -19.24
CA GLY C 424 1.26 -3.23 -17.88
C GLY C 424 0.17 -3.49 -16.88
N GLY C 425 -1.01 -2.92 -17.09
CA GLY C 425 -2.14 -3.25 -16.25
C GLY C 425 -2.50 -4.72 -16.32
N LEU C 426 -2.54 -5.28 -17.53
CA LEU C 426 -2.86 -6.69 -17.68
C LEU C 426 -1.83 -7.56 -16.98
N CYS C 427 -0.54 -7.25 -17.14
CA CYS C 427 0.50 -8.05 -16.52
C CYS C 427 0.48 -7.94 -15.00
N ILE C 428 0.24 -6.73 -14.47
CA ILE C 428 0.23 -6.58 -13.02
C ILE C 428 -0.99 -7.29 -12.42
N GLY C 429 -2.13 -7.25 -13.13
CA GLY C 429 -3.27 -8.04 -12.70
C GLY C 429 -3.01 -9.53 -12.75
N ALA C 430 -2.33 -9.99 -13.80
CA ALA C 430 -1.97 -11.40 -13.90
C ALA C 430 -1.03 -11.81 -12.77
N LEU C 431 -0.08 -10.95 -12.42
CA LEU C 431 0.81 -11.25 -11.31
C LEU C 431 0.06 -11.32 -9.99
N SER C 432 -0.92 -10.42 -9.79
CA SER C 432 -1.74 -10.49 -8.59
C SER C 432 -2.54 -11.79 -8.53
N VAL C 433 -3.12 -12.20 -9.67
CA VAL C 433 -3.86 -13.46 -9.72
C VAL C 433 -2.94 -14.64 -9.42
N LEU C 434 -1.73 -14.62 -10.00
CA LEU C 434 -0.78 -15.70 -9.76
C LEU C 434 -0.38 -15.77 -8.29
N ALA C 435 -0.14 -14.61 -7.67
CA ALA C 435 0.22 -14.60 -6.26
C ALA C 435 -0.92 -15.11 -5.39
N ASP C 436 -2.16 -14.71 -5.70
CA ASP C 436 -3.30 -15.18 -4.93
C ASP C 436 -3.51 -16.68 -5.08
N PHE C 437 -3.38 -17.20 -6.31
CA PHE C 437 -3.59 -18.62 -6.54
C PHE C 437 -2.52 -19.46 -5.88
N LEU C 438 -1.26 -19.00 -5.91
CA LEU C 438 -0.16 -19.74 -5.30
C LEU C 438 -0.20 -19.72 -3.78
N GLY C 439 -1.05 -18.90 -3.18
CA GLY C 439 -1.14 -18.83 -1.74
C GLY C 439 -0.02 -18.02 -1.11
N ALA C 440 0.26 -16.86 -1.68
CA ALA C 440 1.38 -16.09 -1.21
C ALA C 440 1.07 -15.33 0.05
N ILE C 441 2.02 -15.29 0.98
CA ILE C 441 1.83 -14.53 2.19
C ILE C 441 1.84 -13.08 1.76
N GLY C 442 0.96 -12.26 2.32
CA GLY C 442 0.86 -10.88 1.88
C GLY C 442 -0.17 -10.68 0.78
N SER C 443 -0.43 -11.73 -0.01
CA SER C 443 -1.46 -11.67 -1.06
C SER C 443 -1.01 -10.93 -2.33
N GLY C 444 -1.77 -11.06 -3.40
CA GLY C 444 -1.36 -10.45 -4.64
C GLY C 444 -1.20 -8.96 -4.52
N THR C 445 -2.21 -8.29 -4.00
CA THR C 445 -2.15 -6.85 -3.85
C THR C 445 -0.99 -6.48 -2.98
N GLY C 446 -0.95 -7.00 -1.78
CA GLY C 446 0.10 -6.63 -0.85
C GLY C 446 1.48 -6.80 -1.45
N ILE C 447 1.76 -7.97 -1.98
CA ILE C 447 3.10 -8.23 -2.53
C ILE C 447 3.40 -7.27 -3.67
N LEU C 448 2.44 -7.06 -4.57
CA LEU C 448 2.67 -6.18 -5.70
C LEU C 448 2.89 -4.74 -5.24
N LEU C 449 2.11 -4.27 -4.27
CA LEU C 449 2.32 -2.94 -3.72
C LEU C 449 3.69 -2.80 -3.09
N ALA C 450 4.10 -3.81 -2.30
CA ALA C 450 5.40 -3.75 -1.65
C ALA C 450 6.52 -3.68 -2.68
N VAL C 451 6.47 -4.54 -3.69
CA VAL C 451 7.54 -4.56 -4.69
C VAL C 451 7.58 -3.25 -5.47
N THR C 452 6.42 -2.73 -5.85
CA THR C 452 6.40 -1.50 -6.63
C THR C 452 6.92 -0.32 -5.81
N ILE C 453 6.58 -0.26 -4.53
CA ILE C 453 7.05 0.85 -3.69
C ILE C 453 8.56 0.75 -3.46
N ILE C 454 9.05 -0.47 -3.21
CA ILE C 454 10.49 -0.64 -3.03
C ILE C 454 11.24 -0.29 -4.30
N TYR C 455 10.67 -0.64 -5.46
CA TYR C 455 11.30 -0.26 -6.71
C TYR C 455 11.25 1.25 -6.94
N GLN C 456 10.19 1.91 -6.48
CA GLN C 456 10.17 3.36 -6.55
C GLN C 456 11.31 3.97 -5.74
N TYR C 457 11.54 3.43 -4.53
CA TYR C 457 12.68 3.91 -3.74
C TYR C 457 14.01 3.61 -4.42
N PHE C 458 14.13 2.43 -5.03
CA PHE C 458 15.38 2.07 -5.71
C PHE C 458 15.62 2.98 -6.92
N GLU C 459 14.55 3.32 -7.66
CA GLU C 459 14.73 4.20 -8.80
C GLU C 459 15.03 5.62 -8.37
N ILE C 460 14.49 6.07 -7.24
CA ILE C 460 14.92 7.34 -6.67
C ILE C 460 16.41 7.30 -6.34
N PHE C 461 16.87 6.18 -5.77
CA PHE C 461 18.28 6.03 -5.44
C PHE C 461 19.15 6.12 -6.69
N VAL C 462 18.78 5.40 -7.75
CA VAL C 462 19.60 5.41 -8.95
C VAL C 462 19.53 6.77 -9.64
N LYS C 463 18.40 7.47 -9.56
CA LYS C 463 18.33 8.82 -10.09
C LYS C 463 19.30 9.75 -9.36
N GLU C 464 19.31 9.66 -8.03
CA GLU C 464 20.22 10.50 -7.25
C GLU C 464 21.68 10.17 -7.55
N GLN C 465 21.99 8.88 -7.70
CA GLN C 465 23.36 8.50 -8.04
C GLN C 465 23.76 8.99 -9.42
N SER C 466 22.85 8.89 -10.40
CA SER C 466 23.16 9.34 -11.75
C SER C 466 23.35 10.85 -11.80
N GLU C 467 22.56 11.60 -11.00
CA GLU C 467 22.73 13.04 -10.96
C GLU C 467 24.11 13.42 -10.43
N VAL C 468 24.59 12.70 -9.42
CA VAL C 468 25.91 12.96 -8.86
C VAL C 468 26.99 12.59 -9.86
#